data_7CTX
#
_entry.id   7CTX
#
_cell.length_a   72.389
_cell.length_b   50.732
_cell.length_c   93.066
_cell.angle_alpha   90.000
_cell.angle_beta   106.650
_cell.angle_gamma   90.000
#
_symmetry.space_group_name_H-M   'P 1 21 1'
#
loop_
_entity.id
_entity.type
_entity.pdbx_description
1 polymer 'Leucine-rich repeat receptor-like serine/threonine/tyrosine-protein kinase SOBIR1'
2 non-polymer 'PHOSPHOAMINOPHOSPHONIC ACID-ADENYLATE ESTER'
3 non-polymer 'MAGNESIUM ION'
#
_entity_poly.entity_id   1
_entity_poly.type   'polypeptide(L)'
_entity_poly.pdbx_seq_one_letter_code
;MGSSHHHHHHSSGLVPRGSHMSIFSPLIKKAEDLAFLENEEALASLEIIGRGGCGEVFKAELPGSNGKIIAVKKVIQPPK
DADERQIRSEINTVGHIRHRNLLPLLAHVSRPECHYLVYEYMEKGSLQDILTDVQAGNQELMWPARHKIALGIAAGLEYL
HMDHNPRIIHRDLKPANVLLDDDMEARISDFGLAKAMPDAVTHITTSHVAGTVGYIAPEFYQTHKFTDKCDIYSFGVILG
ILVIGKLPSDEFFQHTDEMSLIKWMRNIITSENPSLAIDPKLMDQGFDEQMLLVLKIACYCTLDDPKQRPNSKDVRTMLS
QIK
;
_entity_poly.pdbx_strand_id   A,B
#
# COMPACT_ATOMS: atom_id res chain seq x y z
N HIS A 20 -28.95 -8.73 4.04
CA HIS A 20 -27.67 -9.07 3.44
C HIS A 20 -26.82 -7.81 3.23
N MET A 21 -27.30 -6.89 2.41
CA MET A 21 -26.57 -5.65 2.16
C MET A 21 -27.54 -4.55 1.78
N SER A 22 -27.26 -3.34 2.27
CA SER A 22 -28.05 -2.15 1.98
C SER A 22 -27.22 -1.20 1.13
N ILE A 23 -27.80 -0.76 0.01
CA ILE A 23 -27.16 0.14 -0.93
C ILE A 23 -27.64 1.56 -0.64
N PHE A 24 -26.71 2.47 -0.35
CA PHE A 24 -27.03 3.86 -0.02
C PHE A 24 -26.59 4.86 -1.08
N SER A 25 -25.93 4.41 -2.14
CA SER A 25 -25.40 5.32 -3.15
C SER A 25 -25.65 4.78 -4.56
N PRO A 26 -25.94 5.66 -5.52
CA PRO A 26 -26.12 5.22 -6.91
C PRO A 26 -24.83 4.77 -7.57
N LEU A 27 -23.68 4.95 -6.94
CA LEU A 27 -22.42 4.52 -7.54
C LEU A 27 -22.32 3.00 -7.64
N ILE A 28 -23.12 2.27 -6.87
CA ILE A 28 -23.13 0.81 -6.90
C ILE A 28 -24.40 0.39 -7.65
N LYS A 29 -24.25 0.03 -8.92
CA LYS A 29 -25.40 -0.30 -9.74
C LYS A 29 -26.12 -1.55 -9.23
N LYS A 30 -25.43 -2.67 -9.20
CA LYS A 30 -26.00 -3.95 -8.76
C LYS A 30 -25.41 -4.34 -7.41
N ALA A 31 -26.18 -5.16 -6.68
CA ALA A 31 -25.68 -5.69 -5.41
C ALA A 31 -24.60 -6.73 -5.65
N GLU A 32 -24.71 -7.49 -6.75
CA GLU A 32 -23.71 -8.49 -7.09
C GLU A 32 -22.33 -7.88 -7.29
N ASP A 33 -22.26 -6.56 -7.55
CA ASP A 33 -20.97 -5.90 -7.69
C ASP A 33 -20.15 -6.00 -6.40
N LEU A 34 -20.82 -6.13 -5.25
CA LEU A 34 -20.14 -6.31 -3.97
C LEU A 34 -19.99 -7.77 -3.59
N ALA A 35 -20.27 -8.70 -4.53
CA ALA A 35 -20.18 -10.11 -4.21
C ALA A 35 -18.77 -10.50 -3.77
N PHE A 36 -17.74 -9.82 -4.29
CA PHE A 36 -16.38 -10.15 -3.89
C PHE A 36 -16.15 -9.95 -2.41
N LEU A 37 -16.99 -9.13 -1.75
CA LEU A 37 -16.86 -8.94 -0.31
C LEU A 37 -17.21 -10.20 0.48
N GLU A 38 -18.00 -11.09 -0.11
CA GLU A 38 -18.34 -12.36 0.52
C GLU A 38 -17.40 -13.49 0.11
N ASN A 39 -16.37 -13.20 -0.67
CA ASN A 39 -15.37 -14.17 -1.08
C ASN A 39 -14.13 -13.99 -0.21
N GLU A 40 -13.78 -15.01 0.56
CA GLU A 40 -12.70 -14.87 1.53
C GLU A 40 -11.34 -14.79 0.84
N GLU A 41 -11.07 -15.68 -0.11
CA GLU A 41 -9.81 -15.66 -0.83
C GLU A 41 -9.69 -14.42 -1.72
N ALA A 42 -10.80 -13.82 -2.12
CA ALA A 42 -10.74 -12.54 -2.82
C ALA A 42 -10.39 -11.40 -1.86
N LEU A 43 -10.87 -11.47 -0.61
CA LEU A 43 -10.51 -10.47 0.38
C LEU A 43 -9.05 -10.58 0.79
N ALA A 44 -8.52 -11.81 0.83
CA ALA A 44 -7.13 -12.01 1.20
C ALA A 44 -6.16 -11.32 0.25
N SER A 45 -6.57 -11.07 -0.99
CA SER A 45 -5.72 -10.46 -1.99
C SER A 45 -5.80 -8.94 -1.99
N LEU A 46 -6.83 -8.37 -1.38
CA LEU A 46 -7.00 -6.92 -1.40
C LEU A 46 -5.88 -6.22 -0.63
N GLU A 47 -5.54 -5.00 -1.08
CA GLU A 47 -4.58 -4.17 -0.38
C GLU A 47 -5.18 -3.69 0.94
N ILE A 48 -4.34 -3.66 1.97
CA ILE A 48 -4.76 -3.21 3.30
C ILE A 48 -4.24 -1.79 3.48
N ILE A 49 -5.14 -0.81 3.38
CA ILE A 49 -4.76 0.58 3.61
C ILE A 49 -5.00 1.02 5.05
N GLY A 50 -5.75 0.25 5.82
CA GLY A 50 -5.99 0.59 7.22
C GLY A 50 -5.83 -0.57 8.19
N GLU A 56 -9.79 -2.94 10.27
CA GLU A 56 -9.06 -3.10 9.02
C GLU A 56 -9.82 -2.49 7.84
N VAL A 57 -9.10 -1.76 6.98
CA VAL A 57 -9.69 -1.12 5.80
C VAL A 57 -8.96 -1.62 4.56
N PHE A 58 -9.70 -2.30 3.69
CA PHE A 58 -9.19 -2.79 2.40
C PHE A 58 -9.43 -1.76 1.30
N LYS A 59 -8.71 -1.94 0.20
CA LYS A 59 -8.81 -1.09 -0.98
C LYS A 59 -9.10 -1.95 -2.19
N ALA A 60 -10.16 -1.62 -2.93
CA ALA A 60 -10.55 -2.42 -4.09
C ALA A 60 -11.10 -1.50 -5.17
N GLU A 61 -11.35 -2.09 -6.34
CA GLU A 61 -11.95 -1.38 -7.47
C GLU A 61 -13.40 -1.80 -7.60
N LEU A 62 -14.30 -0.82 -7.69
CA LEU A 62 -15.71 -1.11 -7.86
C LEU A 62 -15.94 -1.82 -9.19
N PRO A 63 -16.46 -3.05 -9.18
CA PRO A 63 -16.64 -3.75 -10.47
C PRO A 63 -17.65 -3.10 -11.39
N GLY A 64 -18.76 -2.61 -10.84
CA GLY A 64 -19.79 -2.01 -11.69
C GLY A 64 -19.32 -0.73 -12.35
N SER A 65 -18.59 0.11 -11.63
CA SER A 65 -18.16 1.39 -12.15
C SER A 65 -17.04 1.20 -13.18
N ASN A 66 -16.62 2.31 -13.78
CA ASN A 66 -15.57 2.29 -14.80
C ASN A 66 -14.25 2.77 -14.22
N GLY A 67 -13.82 2.10 -13.16
CA GLY A 67 -12.56 2.38 -12.52
C GLY A 67 -12.62 3.15 -11.20
N LYS A 68 -13.78 3.25 -10.55
CA LYS A 68 -13.87 3.91 -9.25
C LYS A 68 -13.27 3.01 -8.17
N ILE A 69 -12.52 3.62 -7.26
CA ILE A 69 -11.85 2.91 -6.18
C ILE A 69 -12.65 3.07 -4.90
N ILE A 70 -12.79 1.98 -4.13
CA ILE A 70 -13.54 2.00 -2.89
C ILE A 70 -12.67 1.49 -1.75
N ALA A 71 -12.91 2.04 -0.56
CA ALA A 71 -12.29 1.61 0.68
C ALA A 71 -13.35 0.92 1.52
N VAL A 72 -13.07 -0.32 1.93
CA VAL A 72 -14.03 -1.15 2.63
C VAL A 72 -13.51 -1.38 4.05
N LYS A 73 -14.18 -0.80 5.04
CA LYS A 73 -13.82 -0.97 6.44
C LYS A 73 -14.53 -2.17 7.02
N LYS A 74 -13.79 -3.03 7.70
CA LYS A 74 -14.33 -4.24 8.30
C LYS A 74 -14.44 -4.04 9.81
N VAL A 75 -15.65 -4.14 10.33
CA VAL A 75 -15.88 -4.06 11.78
C VAL A 75 -16.44 -5.39 12.24
N ILE A 76 -16.17 -5.72 13.50
CA ILE A 76 -16.60 -7.00 14.07
C ILE A 76 -17.96 -6.83 14.73
N GLN A 77 -18.84 -7.81 14.53
CA GLN A 77 -20.19 -7.74 15.09
C GLN A 77 -20.12 -7.78 16.61
N PRO A 78 -20.83 -6.89 17.32
CA PRO A 78 -20.70 -6.86 18.76
C PRO A 78 -21.41 -8.04 19.40
N PRO A 79 -20.90 -8.54 20.54
CA PRO A 79 -21.52 -9.64 21.28
C PRO A 79 -22.47 -9.13 22.37
N ASP A 83 -27.18 -5.56 21.38
CA ASP A 83 -26.00 -4.82 20.95
C ASP A 83 -25.83 -4.91 19.44
N GLU A 84 -25.76 -6.14 18.92
CA GLU A 84 -25.62 -6.35 17.48
C GLU A 84 -26.89 -5.96 16.72
N ARG A 85 -28.01 -5.78 17.43
CA ARG A 85 -29.25 -5.42 16.76
C ARG A 85 -29.37 -3.92 16.51
N GLN A 86 -28.80 -3.09 17.40
CA GLN A 86 -28.88 -1.65 17.25
C GLN A 86 -27.90 -1.10 16.21
N ILE A 87 -26.80 -1.81 15.95
CA ILE A 87 -25.81 -1.30 15.01
C ILE A 87 -26.37 -1.25 13.60
N ARG A 88 -27.33 -2.12 13.27
CA ARG A 88 -27.90 -2.10 11.93
C ARG A 88 -28.78 -0.86 11.74
N SER A 89 -29.58 -0.51 12.74
CA SER A 89 -30.36 0.72 12.66
C SER A 89 -29.46 1.94 12.65
N GLU A 90 -28.36 1.88 13.41
CA GLU A 90 -27.41 3.00 13.39
C GLU A 90 -26.74 3.13 12.02
N ILE A 91 -26.43 2.01 11.37
CA ILE A 91 -25.83 2.03 10.04
C ILE A 91 -26.83 2.59 9.03
N ASN A 92 -28.11 2.22 9.16
CA ASN A 92 -29.11 2.79 8.25
C ASN A 92 -29.25 4.29 8.46
N THR A 93 -29.15 4.75 9.72
CA THR A 93 -29.18 6.18 9.97
C THR A 93 -27.97 6.88 9.36
N VAL A 94 -26.80 6.25 9.43
CA VAL A 94 -25.58 6.84 8.87
C VAL A 94 -25.65 6.90 7.34
N GLY A 95 -26.23 5.87 6.72
CA GLY A 95 -26.30 5.79 5.27
C GLY A 95 -27.13 6.88 4.62
N HIS A 96 -27.95 7.60 5.37
CA HIS A 96 -28.78 8.69 4.83
C HIS A 96 -28.23 10.07 5.14
N ILE A 97 -27.09 10.16 5.82
CA ILE A 97 -26.50 11.45 6.17
C ILE A 97 -25.61 11.91 5.01
N ARG A 98 -25.82 13.14 4.55
CA ARG A 98 -25.02 13.73 3.47
C ARG A 98 -24.64 15.15 3.85
N HIS A 99 -23.35 15.44 3.87
CA HIS A 99 -22.85 16.77 4.17
C HIS A 99 -21.56 17.00 3.39
N ARG A 100 -21.27 18.28 3.12
CA ARG A 100 -20.07 18.61 2.35
C ARG A 100 -18.80 18.14 3.06
N ASN A 101 -18.80 18.14 4.39
CA ASN A 101 -17.62 17.80 5.18
C ASN A 101 -17.78 16.48 5.93
N LEU A 102 -18.62 15.60 5.40
CA LEU A 102 -18.84 14.27 5.96
C LEU A 102 -18.61 13.24 4.86
N LEU A 103 -17.91 12.16 5.21
CA LEU A 103 -17.62 11.09 4.26
C LEU A 103 -18.86 10.23 4.05
N PRO A 104 -19.45 10.25 2.86
CA PRO A 104 -20.68 9.49 2.64
C PRO A 104 -20.43 7.99 2.61
N LEU A 105 -21.41 7.25 3.12
CA LEU A 105 -21.37 5.79 3.15
C LEU A 105 -22.12 5.25 1.95
N LEU A 106 -21.42 4.55 1.05
CA LEU A 106 -22.02 4.07 -0.18
C LEU A 106 -22.89 2.84 0.05
N ALA A 107 -22.41 1.86 0.82
CA ALA A 107 -23.17 0.65 1.06
C ALA A 107 -22.70 -0.01 2.35
N HIS A 108 -23.50 -0.96 2.83
CA HIS A 108 -23.20 -1.74 4.02
C HIS A 108 -23.48 -3.20 3.72
N VAL A 109 -22.48 -4.05 3.84
CA VAL A 109 -22.60 -5.48 3.59
C VAL A 109 -22.51 -6.20 4.92
N SER A 110 -23.49 -7.06 5.20
CA SER A 110 -23.61 -7.77 6.47
C SER A 110 -23.29 -9.24 6.26
N ARG A 111 -22.24 -9.72 6.92
CA ARG A 111 -21.87 -11.11 6.98
C ARG A 111 -22.07 -11.65 8.39
N PRO A 112 -22.22 -12.96 8.55
CA PRO A 112 -22.37 -13.52 9.91
C PRO A 112 -21.17 -13.25 10.81
N GLU A 113 -19.99 -13.01 10.24
CA GLU A 113 -18.80 -12.77 11.05
C GLU A 113 -18.53 -11.29 11.30
N CYS A 114 -18.84 -10.42 10.35
CA CYS A 114 -18.45 -9.02 10.45
C CYS A 114 -19.34 -8.17 9.56
N HIS A 115 -19.15 -6.85 9.63
CA HIS A 115 -19.82 -5.87 8.79
C HIS A 115 -18.80 -5.15 7.92
N TYR A 116 -19.22 -4.80 6.71
CA TYR A 116 -18.39 -4.05 5.76
C TYR A 116 -19.05 -2.73 5.46
N LEU A 117 -18.32 -1.64 5.68
CA LEU A 117 -18.77 -0.30 5.33
C LEU A 117 -17.98 0.17 4.12
N VAL A 118 -18.67 0.51 3.04
CA VAL A 118 -18.05 0.90 1.77
C VAL A 118 -18.04 2.42 1.69
N TYR A 119 -16.86 2.99 1.48
CA TYR A 119 -16.69 4.41 1.21
C TYR A 119 -15.91 4.59 -0.07
N GLU A 120 -15.90 5.82 -0.59
CA GLU A 120 -15.01 6.14 -1.68
C GLU A 120 -13.58 6.22 -1.17
N TYR A 121 -12.64 5.73 -1.97
CA TYR A 121 -11.23 5.80 -1.61
C TYR A 121 -10.70 7.19 -1.90
N MET A 122 -10.25 7.88 -0.86
CA MET A 122 -9.67 9.22 -0.99
C MET A 122 -8.16 9.08 -1.11
N GLU A 123 -7.64 9.27 -2.32
CA GLU A 123 -6.21 9.11 -2.57
C GLU A 123 -5.36 10.13 -1.82
N LYS A 124 -5.98 11.21 -1.32
CA LYS A 124 -5.23 12.17 -0.50
C LYS A 124 -4.88 11.59 0.86
N GLY A 125 -5.64 10.62 1.34
CA GLY A 125 -5.40 10.02 2.64
C GLY A 125 -6.15 10.72 3.76
N SER A 126 -5.66 10.52 4.97
CA SER A 126 -6.23 11.16 6.15
C SER A 126 -5.34 12.29 6.63
N LEU A 127 -5.91 13.14 7.50
CA LEU A 127 -5.13 14.21 8.10
C LEU A 127 -3.96 13.66 8.89
N GLN A 128 -4.12 12.47 9.49
CA GLN A 128 -3.03 11.82 10.21
C GLN A 128 -1.85 11.54 9.28
N ASP A 129 -2.12 10.92 8.12
CA ASP A 129 -1.05 10.61 7.19
C ASP A 129 -0.36 11.87 6.68
N ILE A 130 -1.15 12.89 6.35
CA ILE A 130 -0.58 14.12 5.79
C ILE A 130 0.31 14.81 6.82
N LEU A 131 -0.16 14.91 8.06
CA LEU A 131 0.64 15.57 9.09
C LEU A 131 1.89 14.76 9.44
N THR A 132 1.78 13.42 9.45
CA THR A 132 2.95 12.60 9.68
C THR A 132 3.99 12.80 8.58
N ASP A 133 3.54 12.84 7.33
CA ASP A 133 4.48 13.08 6.22
C ASP A 133 5.02 14.51 6.22
N VAL A 134 4.26 15.45 6.77
CA VAL A 134 4.77 16.82 6.91
C VAL A 134 5.87 16.85 7.95
N GLN A 135 5.76 16.04 9.00
CA GLN A 135 6.83 15.95 9.99
C GLN A 135 8.12 15.47 9.36
N ALA A 136 8.05 14.46 8.49
CA ALA A 136 9.23 13.86 7.88
C ALA A 136 9.81 14.68 6.73
N GLY A 137 9.19 15.81 6.37
CA GLY A 137 9.67 16.63 5.29
C GLY A 137 9.32 16.15 3.90
N ASN A 138 8.56 15.07 3.77
CA ASN A 138 8.13 14.57 2.47
C ASN A 138 6.88 15.27 1.95
N GLN A 139 6.36 16.25 2.70
CA GLN A 139 5.13 16.94 2.30
C GLN A 139 5.00 18.21 3.14
N GLU A 140 4.24 19.16 2.60
CA GLU A 140 3.97 20.41 3.29
C GLU A 140 2.46 20.63 3.37
N LEU A 141 2.05 21.47 4.30
CA LEU A 141 0.64 21.82 4.45
C LEU A 141 0.57 23.25 4.97
N MET A 142 0.10 24.16 4.12
CA MET A 142 0.10 25.58 4.45
C MET A 142 -1.00 25.90 5.44
N TRP A 143 -0.94 27.10 6.01
CA TRP A 143 -1.92 27.50 7.01
C TRP A 143 -3.32 27.72 6.41
N PRO A 144 -3.45 28.32 5.22
CA PRO A 144 -4.79 28.38 4.62
C PRO A 144 -5.44 27.01 4.46
N ALA A 145 -4.68 26.00 4.05
CA ALA A 145 -5.24 24.65 3.93
C ALA A 145 -5.67 24.11 5.29
N ARG A 146 -4.86 24.35 6.32
CA ARG A 146 -5.21 23.89 7.66
C ARG A 146 -6.47 24.58 8.17
N HIS A 147 -6.61 25.88 7.90
CA HIS A 147 -7.81 26.61 8.30
C HIS A 147 -9.03 26.09 7.56
N LYS A 148 -8.87 25.76 6.27
CA LYS A 148 -9.97 25.16 5.52
C LYS A 148 -10.37 23.82 6.10
N ILE A 149 -9.39 22.99 6.48
CA ILE A 149 -9.66 21.71 7.11
C ILE A 149 -10.38 21.91 8.45
N ALA A 150 -9.92 22.88 9.25
CA ALA A 150 -10.55 23.13 10.55
C ALA A 150 -12.00 23.60 10.38
N LEU A 151 -12.24 24.49 9.42
CA LEU A 151 -13.60 24.94 9.15
C LEU A 151 -14.47 23.78 8.64
N GLY A 152 -13.88 22.88 7.85
CA GLY A 152 -14.65 21.72 7.41
C GLY A 152 -15.04 20.82 8.56
N ILE A 153 -14.09 20.51 9.45
CA ILE A 153 -14.41 19.67 10.60
C ILE A 153 -15.43 20.35 11.48
N ALA A 154 -15.34 21.69 11.64
CA ALA A 154 -16.33 22.41 12.42
C ALA A 154 -17.71 22.30 11.82
N ALA A 155 -17.81 22.45 10.49
CA ALA A 155 -19.11 22.36 9.83
C ALA A 155 -19.70 20.96 9.96
N GLY A 156 -18.88 19.93 9.76
CA GLY A 156 -19.37 18.57 9.93
C GLY A 156 -19.80 18.26 11.36
N LEU A 157 -18.98 18.68 12.34
CA LEU A 157 -19.34 18.47 13.73
C LEU A 157 -20.62 19.21 14.09
N GLU A 158 -20.80 20.42 13.57
CA GLU A 158 -22.01 21.18 13.88
C GLU A 158 -23.24 20.53 13.24
N TYR A 159 -23.09 20.02 12.01
CA TYR A 159 -24.21 19.33 11.38
C TYR A 159 -24.60 18.07 12.15
N LEU A 160 -23.60 17.33 12.64
CA LEU A 160 -23.91 16.12 13.41
C LEU A 160 -24.50 16.45 14.77
N HIS A 161 -23.98 17.49 15.43
CA HIS A 161 -24.39 17.78 16.80
C HIS A 161 -25.73 18.48 16.87
N MET A 162 -25.98 19.40 15.95
CA MET A 162 -27.08 20.35 16.10
C MET A 162 -28.03 20.44 14.92
N ASP A 163 -27.77 19.75 13.81
CA ASP A 163 -28.60 19.91 12.62
C ASP A 163 -29.30 18.63 12.18
N HIS A 164 -28.64 17.48 12.30
CA HIS A 164 -29.29 16.23 11.93
C HIS A 164 -30.45 15.95 12.87
N ASN A 165 -31.55 15.44 12.31
CA ASN A 165 -32.78 15.29 13.08
C ASN A 165 -32.59 14.44 14.33
N PRO A 166 -31.92 13.27 14.28
CA PRO A 166 -31.39 12.70 15.53
C PRO A 166 -29.95 13.14 15.76
N ARG A 167 -29.63 13.60 16.97
CA ARG A 167 -28.28 14.05 17.26
C ARG A 167 -27.30 12.89 17.17
N ILE A 168 -26.24 13.08 16.38
CA ILE A 168 -25.23 12.05 16.15
C ILE A 168 -23.96 12.42 16.90
N ILE A 169 -23.44 11.47 17.67
CA ILE A 169 -22.19 11.64 18.41
C ILE A 169 -21.13 10.80 17.72
N HIS A 170 -19.97 11.41 17.45
CA HIS A 170 -18.92 10.71 16.72
C HIS A 170 -18.30 9.61 17.56
N ARG A 171 -17.84 9.94 18.76
CA ARG A 171 -17.24 9.05 19.75
C ARG A 171 -15.80 8.67 19.40
N ASP A 172 -15.29 9.02 18.21
CA ASP A 172 -13.94 8.60 17.84
C ASP A 172 -13.31 9.63 16.89
N LEU A 173 -13.45 10.90 17.22
CA LEU A 173 -12.89 11.95 16.38
C LEU A 173 -11.38 12.01 16.56
N LYS A 174 -10.66 11.93 15.45
CA LYS A 174 -9.21 11.97 15.43
C LYS A 174 -8.76 12.20 13.99
N PRO A 175 -7.51 12.65 13.78
CA PRO A 175 -7.07 12.94 12.41
C PRO A 175 -7.11 11.73 11.47
N ALA A 176 -7.20 10.51 12.01
CA ALA A 176 -7.31 9.34 11.13
C ALA A 176 -8.71 9.17 10.56
N ASN A 177 -9.73 9.72 11.23
CA ASN A 177 -11.11 9.66 10.76
C ASN A 177 -11.53 10.92 10.02
N VAL A 178 -10.58 11.80 9.68
CA VAL A 178 -10.84 12.97 8.84
C VAL A 178 -10.02 12.79 7.58
N LEU A 179 -10.70 12.70 6.44
CA LEU A 179 -10.06 12.53 5.15
C LEU A 179 -10.16 13.80 4.32
N LEU A 180 -9.37 13.87 3.26
CA LEU A 180 -9.32 15.04 2.39
C LEU A 180 -9.76 14.62 0.99
N ASP A 181 -10.69 15.38 0.41
CA ASP A 181 -11.13 15.13 -0.95
C ASP A 181 -10.23 15.88 -1.92
N ASP A 182 -10.56 15.83 -3.22
CA ASP A 182 -9.74 16.52 -4.21
C ASP A 182 -9.85 18.04 -4.12
N ASP A 183 -10.81 18.57 -3.37
CA ASP A 183 -10.87 20.00 -3.09
C ASP A 183 -10.11 20.39 -1.83
N MET A 184 -9.36 19.45 -1.25
CA MET A 184 -8.67 19.64 0.04
C MET A 184 -9.66 20.04 1.14
N GLU A 185 -10.88 19.53 1.05
CA GLU A 185 -11.90 19.76 2.06
C GLU A 185 -11.88 18.62 3.08
N ALA A 186 -12.11 18.96 4.34
CA ALA A 186 -12.18 17.94 5.37
C ALA A 186 -13.48 17.15 5.23
N ARG A 187 -13.41 15.85 5.52
CA ARG A 187 -14.57 14.97 5.50
C ARG A 187 -14.45 14.01 6.67
N ILE A 188 -15.33 14.15 7.65
CA ILE A 188 -15.28 13.32 8.85
C ILE A 188 -15.84 11.94 8.53
N SER A 189 -15.23 10.90 9.11
CA SER A 189 -15.60 9.53 8.83
C SER A 189 -15.63 8.73 10.13
N ASP A 190 -16.11 7.49 10.02
CA ASP A 190 -16.16 6.54 11.14
C ASP A 190 -16.91 7.10 12.34
N PHE A 191 -18.09 7.66 12.07
CA PHE A 191 -18.91 8.27 13.11
C PHE A 191 -20.27 7.58 13.19
N GLY A 192 -20.97 7.83 14.28
CA GLY A 192 -22.34 7.39 14.47
C GLY A 192 -22.51 6.01 15.08
N LEU A 193 -21.72 5.03 14.64
CA LEU A 193 -21.85 3.66 15.12
C LEU A 193 -21.51 3.61 16.59
N ALA A 194 -22.53 3.65 17.45
CA ALA A 194 -22.30 3.54 18.89
C ALA A 194 -21.88 2.12 19.27
N LYS A 195 -22.45 1.12 18.59
CA LYS A 195 -22.16 -0.27 18.95
C LYS A 195 -20.84 -0.76 18.39
N ALA A 196 -20.24 -0.04 17.43
CA ALA A 196 -18.95 -0.44 16.89
C ALA A 196 -17.81 -0.23 17.89
N MET A 197 -18.03 0.60 18.92
CA MET A 197 -17.01 0.88 19.92
C MET A 197 -16.91 -0.25 20.92
N PRO A 198 -15.71 -0.52 21.43
CA PRO A 198 -15.57 -1.52 22.49
C PRO A 198 -15.89 -0.93 23.85
N ASP A 199 -15.60 -1.66 24.93
CA ASP A 199 -15.78 -1.10 26.25
C ASP A 199 -14.78 0.03 26.48
N ALA A 200 -15.03 0.81 27.54
CA ALA A 200 -14.21 2.00 27.77
C ALA A 200 -12.77 1.63 28.07
N VAL A 201 -12.54 0.57 28.86
CA VAL A 201 -11.17 0.19 29.21
C VAL A 201 -10.41 -0.28 27.98
N THR A 202 -11.03 -1.16 27.19
CA THR A 202 -10.41 -1.63 25.96
C THR A 202 -10.16 -0.45 25.00
N HIS A 203 -11.10 0.48 24.93
CA HIS A 203 -10.93 1.64 24.07
C HIS A 203 -9.72 2.46 24.49
N ILE A 204 -9.58 2.70 25.79
CA ILE A 204 -8.47 3.50 26.30
C ILE A 204 -7.14 2.78 26.05
N THR A 205 -7.11 1.46 26.26
CA THR A 205 -5.85 0.74 26.08
C THR A 205 -5.45 0.70 24.60
N THR A 206 -6.41 0.44 23.72
CA THR A 206 -6.09 0.38 22.30
C THR A 206 -5.80 1.75 21.73
N SER A 207 -6.30 2.83 22.36
CA SER A 207 -5.93 4.18 21.96
C SER A 207 -4.54 4.55 22.46
N HIS A 208 -4.13 4.00 23.61
CA HIS A 208 -2.75 4.13 24.06
C HIS A 208 -1.80 3.45 23.07
N VAL A 209 -2.13 2.22 22.66
CA VAL A 209 -1.26 1.50 21.74
C VAL A 209 -1.22 2.20 20.39
N ALA A 210 -2.36 2.72 19.93
CA ALA A 210 -2.40 3.47 18.67
C ALA A 210 -1.89 4.90 18.80
N GLY A 211 -1.60 5.37 20.02
CA GLY A 211 -1.07 6.71 20.19
C GLY A 211 -2.09 7.83 20.04
N THR A 212 -3.37 7.54 20.30
CA THR A 212 -4.44 8.52 20.15
C THR A 212 -5.22 8.74 21.44
N VAL A 213 -4.64 8.42 22.60
CA VAL A 213 -5.30 8.70 23.86
C VAL A 213 -5.43 10.20 24.10
N GLY A 214 -4.63 11.02 23.44
CA GLY A 214 -4.68 12.46 23.63
C GLY A 214 -5.99 13.08 23.19
N TYR A 215 -6.83 12.35 22.46
CA TYR A 215 -8.12 12.87 22.01
C TYR A 215 -9.27 12.47 22.93
N ILE A 216 -9.01 11.60 23.91
CA ILE A 216 -10.04 11.21 24.87
C ILE A 216 -10.14 12.27 25.95
N ALA A 217 -11.33 12.84 26.12
CA ALA A 217 -11.53 13.88 27.11
C ALA A 217 -11.31 13.31 28.51
N PRO A 218 -10.91 14.15 29.48
CA PRO A 218 -10.72 13.65 30.85
C PRO A 218 -11.96 12.99 31.43
N GLU A 219 -13.13 13.63 31.30
CA GLU A 219 -14.37 13.12 31.88
C GLU A 219 -14.66 11.68 31.51
N PHE A 220 -14.27 11.24 30.31
CA PHE A 220 -14.50 9.85 29.93
C PHE A 220 -13.85 8.85 30.88
N TYR A 221 -12.84 9.25 31.65
CA TYR A 221 -12.26 8.28 32.57
C TYR A 221 -13.15 8.06 33.79
N GLN A 222 -14.13 8.92 34.01
CA GLN A 222 -15.07 8.77 35.11
C GLN A 222 -16.50 8.50 34.67
N THR A 223 -16.89 8.96 33.48
CA THR A 223 -18.27 8.77 33.04
C THR A 223 -18.45 7.52 32.20
N HIS A 224 -17.43 7.11 31.44
CA HIS A 224 -17.50 6.00 30.49
C HIS A 224 -18.59 6.21 29.44
N LYS A 225 -18.95 7.46 29.17
CA LYS A 225 -20.02 7.79 28.26
C LYS A 225 -19.54 8.85 27.27
N PHE A 226 -19.92 8.70 26.00
CA PHE A 226 -19.53 9.64 24.98
C PHE A 226 -20.59 10.73 24.85
N THR A 227 -20.16 11.98 24.95
CA THR A 227 -21.03 13.14 24.79
C THR A 227 -20.49 14.02 23.67
N ASP A 228 -21.28 15.04 23.31
CA ASP A 228 -20.82 16.00 22.31
C ASP A 228 -19.57 16.73 22.77
N LYS A 229 -19.41 16.92 24.08
CA LYS A 229 -18.26 17.62 24.62
C LYS A 229 -16.98 16.81 24.46
N CYS A 230 -17.09 15.49 24.43
CA CYS A 230 -15.92 14.67 24.11
C CYS A 230 -15.48 14.89 22.66
N ASP A 231 -16.43 14.98 21.74
CA ASP A 231 -16.07 15.33 20.36
C ASP A 231 -15.47 16.74 20.31
N ILE A 232 -15.97 17.64 21.16
CA ILE A 232 -15.39 18.99 21.21
C ILE A 232 -13.94 18.93 21.67
N TYR A 233 -13.66 18.07 22.66
CA TYR A 233 -12.29 17.91 23.14
C TYR A 233 -11.38 17.36 22.04
N SER A 234 -11.84 16.31 21.36
CA SER A 234 -11.06 15.75 20.26
C SER A 234 -10.80 16.79 19.18
N PHE A 235 -11.84 17.55 18.81
CA PHE A 235 -11.69 18.61 17.82
C PHE A 235 -10.69 19.65 18.30
N GLY A 236 -10.71 19.96 19.60
CA GLY A 236 -9.74 20.91 20.12
C GLY A 236 -8.32 20.39 20.06
N VAL A 237 -8.13 19.10 20.30
CA VAL A 237 -6.79 18.53 20.15
C VAL A 237 -6.35 18.59 18.69
N ILE A 238 -7.27 18.32 17.76
CA ILE A 238 -6.92 18.42 16.34
C ILE A 238 -6.59 19.87 15.98
N LEU A 239 -7.38 20.82 16.49
CA LEU A 239 -7.11 22.23 16.25
C LEU A 239 -5.72 22.60 16.75
N GLY A 240 -5.36 22.12 17.95
CA GLY A 240 -4.04 22.39 18.47
C GLY A 240 -2.94 21.78 17.63
N ILE A 241 -3.16 20.56 17.13
CA ILE A 241 -2.16 19.92 16.27
C ILE A 241 -1.93 20.74 15.01
N LEU A 242 -3.02 21.28 14.43
CA LEU A 242 -2.89 21.98 13.15
C LEU A 242 -1.97 23.19 13.23
N VAL A 243 -1.83 23.78 14.42
CA VAL A 243 -0.92 24.91 14.62
C VAL A 243 0.43 24.45 15.16
N ILE A 244 0.42 23.57 16.17
CA ILE A 244 1.67 23.13 16.78
C ILE A 244 2.50 22.33 15.80
N GLY A 245 1.86 21.52 14.96
CA GLY A 245 2.59 20.68 14.04
C GLY A 245 3.10 19.40 14.64
N LYS A 246 2.72 19.07 15.87
CA LYS A 246 3.13 17.84 16.53
C LYS A 246 1.90 17.09 17.01
N LEU A 247 2.00 15.77 17.03
CA LEU A 247 0.92 14.92 17.49
C LEU A 247 0.97 14.77 19.01
N PRO A 248 -0.15 14.38 19.64
CA PRO A 248 -0.11 14.14 21.10
C PRO A 248 0.83 13.02 21.49
N SER A 249 1.14 12.10 20.57
CA SER A 249 2.02 10.98 20.84
C SER A 249 3.49 11.34 20.69
N ASP A 250 3.79 12.61 20.45
CA ASP A 250 5.17 13.04 20.26
C ASP A 250 5.95 12.90 21.57
N GLU A 251 7.17 12.37 21.46
CA GLU A 251 8.04 12.26 22.62
C GLU A 251 8.50 13.61 23.13
N PHE A 252 8.39 14.65 22.31
CA PHE A 252 8.70 16.01 22.75
C PHE A 252 7.86 16.39 23.96
N PHE A 253 6.59 15.99 23.97
CA PHE A 253 5.73 16.29 25.11
C PHE A 253 6.08 15.41 26.31
N GLN A 254 6.65 14.24 26.08
CA GLN A 254 7.15 13.43 27.18
C GLN A 254 8.42 14.02 27.77
N HIS A 255 9.14 14.84 27.00
CA HIS A 255 10.31 15.56 27.50
C HIS A 255 10.00 17.01 27.85
N THR A 256 8.72 17.35 28.01
CA THR A 256 8.30 18.68 28.44
C THR A 256 7.75 18.62 29.85
N ASP A 257 7.67 19.79 30.49
CA ASP A 257 7.26 19.84 31.89
C ASP A 257 5.81 19.40 32.07
N GLU A 258 4.92 19.83 31.17
CA GLU A 258 3.49 19.56 31.35
C GLU A 258 3.13 18.11 31.08
N MET A 259 3.95 17.39 30.32
CA MET A 259 3.77 15.98 30.01
C MET A 259 2.54 15.70 29.15
N SER A 260 1.95 16.73 28.56
CA SER A 260 0.80 16.52 27.66
C SER A 260 0.73 17.70 26.69
N LEU A 261 0.17 17.43 25.51
CA LEU A 261 0.04 18.47 24.50
C LEU A 261 -0.91 19.57 24.97
N ILE A 262 -2.04 19.19 25.57
CA ILE A 262 -3.06 20.15 25.95
C ILE A 262 -2.54 21.10 27.02
N LYS A 263 -1.91 20.57 28.07
CA LYS A 263 -1.42 21.42 29.16
C LYS A 263 -0.27 22.30 28.69
N TRP A 264 0.61 21.76 27.85
CA TRP A 264 1.71 22.55 27.30
C TRP A 264 1.19 23.72 26.46
N MET A 265 0.21 23.45 25.59
CA MET A 265 -0.42 24.51 24.82
C MET A 265 -1.11 25.51 25.73
N ARG A 266 -1.78 25.03 26.77
CA ARG A 266 -2.53 25.90 27.66
C ARG A 266 -1.61 26.85 28.41
N ASN A 267 -0.41 26.38 28.76
CA ASN A 267 0.56 27.25 29.41
C ASN A 267 1.19 28.23 28.43
N ILE A 268 1.49 27.79 27.21
CA ILE A 268 2.16 28.69 26.26
C ILE A 268 1.22 29.81 25.80
N ILE A 269 -0.08 29.51 25.67
CA ILE A 269 -1.02 30.53 25.20
C ILE A 269 -1.03 31.73 26.13
N THR A 270 -0.88 31.50 27.44
CA THR A 270 -0.83 32.56 28.42
C THR A 270 0.60 32.93 28.82
N SER A 271 1.59 32.46 28.08
CA SER A 271 2.98 32.77 28.40
C SER A 271 3.38 34.12 27.80
N GLU A 272 4.63 34.51 28.04
CA GLU A 272 5.13 35.79 27.55
C GLU A 272 5.22 35.82 26.03
N ASN A 273 5.49 34.67 25.40
CA ASN A 273 5.61 34.57 23.96
C ASN A 273 4.79 33.38 23.47
N PRO A 274 3.49 33.58 23.21
CA PRO A 274 2.66 32.45 22.73
C PRO A 274 3.07 31.93 21.37
N SER A 275 3.65 32.77 20.52
CA SER A 275 4.01 32.37 19.16
C SER A 275 4.98 31.20 19.13
N LEU A 276 5.59 30.84 20.27
CA LEU A 276 6.48 29.69 20.30
C LEU A 276 5.75 28.37 20.07
N ALA A 277 4.43 28.34 20.31
CA ALA A 277 3.67 27.11 20.08
C ALA A 277 3.41 26.85 18.61
N ILE A 278 3.68 27.81 17.74
CA ILE A 278 3.42 27.66 16.31
C ILE A 278 4.46 26.74 15.69
N ASP A 279 4.01 25.89 14.77
CA ASP A 279 4.91 25.06 13.96
C ASP A 279 5.92 25.96 13.24
N PRO A 280 7.23 25.74 13.41
CA PRO A 280 8.21 26.59 12.73
C PRO A 280 8.06 26.63 11.21
N LYS A 281 7.43 25.62 10.60
CA LYS A 281 7.20 25.65 9.15
C LYS A 281 6.18 26.71 8.77
N LEU A 282 5.26 27.05 9.67
CA LEU A 282 4.22 28.02 9.41
C LEU A 282 4.52 29.39 10.02
N MET A 283 5.64 29.54 10.72
CA MET A 283 5.90 30.73 11.51
C MET A 283 6.42 31.87 10.64
N ASP A 284 6.08 33.10 11.06
CA ASP A 284 6.56 34.32 10.40
C ASP A 284 6.23 34.34 8.91
N GLN A 285 5.01 33.94 8.56
CA GLN A 285 4.54 33.98 7.18
C GLN A 285 3.26 34.80 7.05
N GLY A 286 2.93 35.61 8.05
CA GLY A 286 1.79 36.49 7.99
C GLY A 286 0.52 35.95 8.61
N PHE A 287 0.55 34.75 9.18
CA PHE A 287 -0.64 34.13 9.76
C PHE A 287 -0.50 33.87 11.26
N ASP A 288 0.39 34.60 11.94
CA ASP A 288 0.67 34.30 13.35
C ASP A 288 -0.54 34.57 14.23
N GLU A 289 -1.16 35.74 14.08
CA GLU A 289 -2.30 36.09 14.93
C GLU A 289 -3.46 35.13 14.73
N GLN A 290 -3.71 34.72 13.49
CA GLN A 290 -4.80 33.77 13.21
C GLN A 290 -4.54 32.44 13.91
N MET A 291 -3.32 31.92 13.78
CA MET A 291 -2.99 30.65 14.42
C MET A 291 -3.08 30.74 15.94
N LEU A 292 -2.69 31.89 16.52
CA LEU A 292 -2.85 32.06 17.96
C LEU A 292 -4.31 32.09 18.37
N LEU A 293 -5.16 32.69 17.52
CA LEU A 293 -6.59 32.68 17.81
C LEU A 293 -7.16 31.26 17.80
N VAL A 294 -6.75 30.45 16.82
CA VAL A 294 -7.30 29.08 16.82
C VAL A 294 -6.67 28.25 17.95
N LEU A 295 -5.47 28.62 18.39
CA LEU A 295 -4.92 27.98 19.59
C LEU A 295 -5.77 28.27 20.81
N LYS A 296 -6.19 29.53 20.97
CA LYS A 296 -7.09 29.87 22.06
C LYS A 296 -8.40 29.09 21.96
N ILE A 297 -8.94 28.97 20.74
CA ILE A 297 -10.17 28.20 20.53
C ILE A 297 -9.98 26.76 20.96
N ALA A 298 -8.85 26.16 20.59
CA ALA A 298 -8.58 24.77 20.99
C ALA A 298 -8.43 24.65 22.50
N CYS A 299 -7.85 25.67 23.12
CA CYS A 299 -7.73 25.69 24.58
C CYS A 299 -9.10 25.64 25.24
N TYR A 300 -10.05 26.42 24.71
CA TYR A 300 -11.42 26.39 25.23
C TYR A 300 -12.08 25.04 24.97
N CYS A 301 -11.81 24.45 23.80
CA CYS A 301 -12.35 23.14 23.48
C CYS A 301 -11.77 22.01 24.32
N THR A 302 -10.63 22.23 25.00
CA THR A 302 -9.98 21.17 25.76
C THR A 302 -9.91 21.46 27.25
N LEU A 303 -10.89 22.19 27.79
CA LEU A 303 -10.94 22.42 29.22
C LEU A 303 -11.36 21.16 29.95
N ASP A 304 -10.86 21.00 31.19
CA ASP A 304 -11.13 19.77 31.94
C ASP A 304 -12.61 19.59 32.23
N ASP A 305 -13.35 20.69 32.41
CA ASP A 305 -14.77 20.62 32.68
C ASP A 305 -15.54 20.69 31.36
N PRO A 306 -16.37 19.70 31.02
CA PRO A 306 -17.08 19.75 29.73
C PRO A 306 -18.07 20.91 29.64
N LYS A 307 -18.72 21.27 30.74
CA LYS A 307 -19.66 22.39 30.72
C LYS A 307 -18.96 23.69 30.36
N GLN A 308 -17.67 23.80 30.65
CA GLN A 308 -16.92 25.01 30.28
C GLN A 308 -16.64 25.08 28.78
N ARG A 309 -16.67 23.95 28.07
CA ARG A 309 -16.37 23.93 26.65
C ARG A 309 -17.53 24.47 25.83
N PRO A 310 -17.25 25.07 24.68
CA PRO A 310 -18.33 25.55 23.81
C PRO A 310 -18.90 24.41 22.96
N ASN A 311 -20.10 24.65 22.44
CA ASN A 311 -20.71 23.68 21.54
C ASN A 311 -20.18 23.89 20.12
N SER A 312 -20.57 22.99 19.22
CA SER A 312 -19.99 22.98 17.88
C SER A 312 -20.33 24.25 17.11
N LYS A 313 -21.51 24.81 17.33
CA LYS A 313 -21.90 26.04 16.64
C LYS A 313 -21.00 27.20 17.02
N ASP A 314 -20.75 27.35 18.33
CA ASP A 314 -19.85 28.41 18.79
C ASP A 314 -18.43 28.20 18.29
N VAL A 315 -17.98 26.94 18.25
CA VAL A 315 -16.65 26.63 17.73
C VAL A 315 -16.52 27.06 16.28
N ARG A 316 -17.53 26.72 15.46
CA ARG A 316 -17.50 27.09 14.06
C ARG A 316 -17.55 28.60 13.88
N THR A 317 -18.38 29.29 14.68
CA THR A 317 -18.47 30.74 14.58
C THR A 317 -17.16 31.40 14.95
N MET A 318 -16.50 30.92 16.01
CA MET A 318 -15.22 31.49 16.39
C MET A 318 -14.14 31.20 15.35
N LEU A 319 -14.18 30.01 14.75
CA LEU A 319 -13.20 29.69 13.70
C LEU A 319 -13.41 30.54 12.46
N SER A 320 -14.66 30.89 12.16
CA SER A 320 -14.96 31.73 11.00
C SER A 320 -14.79 33.22 11.27
N GLN A 321 -14.73 33.64 12.54
CA GLN A 321 -14.52 35.05 12.87
C GLN A 321 -13.09 35.54 12.56
N ILE A 322 -12.23 34.75 11.94
CA ILE A 322 -10.85 35.17 11.70
C ILE A 322 -10.70 35.74 10.29
N HIS B 20 34.51 -7.93 0.93
CA HIS B 20 34.09 -8.21 2.29
C HIS B 20 32.61 -7.91 2.46
N MET B 21 32.30 -6.70 2.95
CA MET B 21 30.93 -6.36 3.30
C MET B 21 30.60 -4.94 2.83
N SER B 22 29.52 -4.81 2.07
CA SER B 22 28.99 -3.53 1.63
C SER B 22 27.54 -3.41 2.11
N ILE B 23 27.20 -2.23 2.64
CA ILE B 23 25.85 -1.96 3.12
C ILE B 23 25.27 -0.83 2.28
N PHE B 24 24.13 -1.10 1.64
CA PHE B 24 23.50 -0.14 0.75
C PHE B 24 22.22 0.46 1.30
N SER B 25 21.73 0.00 2.45
CA SER B 25 20.46 0.47 2.98
C SER B 25 20.60 0.83 4.45
N PRO B 26 19.85 1.84 4.91
CA PRO B 26 19.85 2.17 6.34
C PRO B 26 19.23 1.10 7.22
N LEU B 27 18.53 0.12 6.65
CA LEU B 27 17.88 -0.91 7.46
C LEU B 27 18.90 -1.81 8.15
N ILE B 28 20.10 -1.94 7.58
CA ILE B 28 21.21 -2.62 8.23
C ILE B 28 21.92 -1.58 9.09
N LYS B 29 21.55 -1.53 10.38
CA LYS B 29 22.07 -0.49 11.26
C LYS B 29 23.58 -0.65 11.47
N LYS B 30 24.02 -1.85 11.84
CA LYS B 30 25.42 -2.14 12.06
C LYS B 30 25.88 -3.24 11.11
N ALA B 31 27.13 -3.15 10.66
CA ALA B 31 27.69 -4.18 9.80
C ALA B 31 27.81 -5.51 10.53
N GLU B 32 28.19 -5.48 11.81
CA GLU B 32 28.34 -6.69 12.59
C GLU B 32 27.03 -7.47 12.69
N ASP B 33 25.89 -6.84 12.41
CA ASP B 33 24.61 -7.54 12.41
C ASP B 33 24.57 -8.66 11.39
N LEU B 34 25.40 -8.59 10.34
CA LEU B 34 25.48 -9.65 9.34
C LEU B 34 26.62 -10.64 9.63
N ALA B 35 27.19 -10.59 10.83
CA ALA B 35 28.30 -11.48 11.16
C ALA B 35 27.93 -12.95 11.04
N PHE B 36 26.66 -13.28 11.26
CA PHE B 36 26.22 -14.67 11.13
C PHE B 36 26.45 -15.21 9.73
N LEU B 37 26.54 -14.33 8.72
CA LEU B 37 26.77 -14.79 7.35
C LEU B 37 28.19 -15.29 7.15
N GLU B 38 29.12 -14.93 8.04
CA GLU B 38 30.48 -15.44 7.94
C GLU B 38 30.61 -16.86 8.50
N ASN B 39 29.64 -17.31 9.31
CA ASN B 39 29.63 -18.67 9.81
C ASN B 39 28.81 -19.53 8.85
N GLU B 40 29.44 -20.59 8.32
CA GLU B 40 28.75 -21.45 7.37
C GLU B 40 27.77 -22.39 8.06
N GLU B 41 28.13 -22.90 9.23
CA GLU B 41 27.24 -23.80 9.96
C GLU B 41 25.97 -23.08 10.41
N ALA B 42 26.06 -21.80 10.74
CA ALA B 42 24.86 -21.03 11.07
C ALA B 42 23.99 -20.80 9.84
N LEU B 43 24.60 -20.63 8.67
CA LEU B 43 23.83 -20.47 7.45
C LEU B 43 23.16 -21.77 7.03
N ALA B 44 23.77 -22.92 7.34
CA ALA B 44 23.18 -24.20 7.00
C ALA B 44 21.90 -24.50 7.77
N SER B 45 21.73 -23.89 8.95
CA SER B 45 20.55 -24.15 9.76
C SER B 45 19.37 -23.25 9.42
N LEU B 46 19.57 -22.22 8.60
CA LEU B 46 18.48 -21.30 8.29
C LEU B 46 17.41 -21.96 7.44
N GLU B 47 16.18 -21.47 7.57
CA GLU B 47 15.07 -21.95 6.76
C GLU B 47 15.27 -21.54 5.31
N ILE B 48 14.72 -22.34 4.39
CA ILE B 48 14.85 -22.11 2.96
C ILE B 48 13.52 -21.65 2.41
N ILE B 49 13.53 -20.57 1.62
CA ILE B 49 12.32 -20.07 0.98
C ILE B 49 12.43 -20.27 -0.54
N GLY B 55 23.39 -21.92 -3.40
CA GLY B 55 22.57 -21.52 -4.53
C GLY B 55 21.09 -21.58 -4.25
N GLU B 56 20.66 -20.87 -3.20
CA GLU B 56 19.26 -20.84 -2.81
C GLU B 56 19.01 -19.56 -2.03
N VAL B 57 17.79 -19.41 -1.53
CA VAL B 57 17.39 -18.25 -0.75
C VAL B 57 16.98 -18.71 0.64
N PHE B 58 17.57 -18.09 1.66
CA PHE B 58 17.32 -18.41 3.05
C PHE B 58 16.60 -17.26 3.74
N LYS B 59 15.98 -17.59 4.88
CA LYS B 59 15.15 -16.68 5.64
C LYS B 59 15.79 -16.47 7.01
N ALA B 60 16.13 -15.21 7.33
CA ALA B 60 16.80 -14.91 8.60
C ALA B 60 16.17 -13.69 9.24
N GLU B 61 16.52 -13.45 10.50
CA GLU B 61 16.02 -12.31 11.26
C GLU B 61 17.16 -11.38 11.61
N LEU B 62 16.97 -10.08 11.37
CA LEU B 62 17.99 -9.10 11.75
C LEU B 62 17.92 -8.80 13.24
N PRO B 63 19.07 -8.72 13.91
CA PRO B 63 19.05 -8.43 15.35
C PRO B 63 18.88 -6.95 15.66
N GLY B 64 19.56 -6.09 14.89
CA GLY B 64 19.53 -4.67 15.19
C GLY B 64 18.16 -4.06 15.05
N SER B 65 17.48 -4.34 13.94
CA SER B 65 16.13 -3.85 13.74
C SER B 65 15.15 -4.57 14.66
N ASN B 66 14.00 -3.95 14.88
CA ASN B 66 13.01 -4.49 15.80
C ASN B 66 12.31 -5.71 15.22
N GLY B 67 13.06 -6.78 14.97
CA GLY B 67 12.48 -8.01 14.47
C GLY B 67 12.20 -8.02 12.98
N LYS B 68 13.08 -7.44 12.18
CA LYS B 68 12.90 -7.39 10.73
C LYS B 68 13.48 -8.64 10.07
N ILE B 69 12.72 -9.23 9.18
CA ILE B 69 13.09 -10.46 8.49
C ILE B 69 13.73 -10.11 7.16
N ILE B 70 14.86 -10.76 6.85
CA ILE B 70 15.57 -10.55 5.61
C ILE B 70 15.67 -11.87 4.84
N ALA B 71 15.72 -11.75 3.52
CA ALA B 71 15.93 -12.88 2.63
C ALA B 71 17.34 -12.79 2.06
N VAL B 72 18.11 -13.86 2.20
CA VAL B 72 19.52 -13.88 1.79
C VAL B 72 19.68 -14.89 0.67
N LYS B 73 20.03 -14.41 -0.52
CA LYS B 73 20.30 -15.28 -1.66
C LYS B 73 21.78 -15.62 -1.72
N LYS B 74 22.07 -16.90 -1.94
CA LYS B 74 23.43 -17.40 -2.04
C LYS B 74 23.82 -17.56 -3.51
N VAL B 75 24.96 -17.00 -3.89
CA VAL B 75 25.47 -17.05 -5.26
C VAL B 75 26.85 -17.67 -5.25
N ILE B 76 27.10 -18.58 -6.19
CA ILE B 76 28.41 -19.21 -6.28
C ILE B 76 29.41 -18.25 -6.91
N GLN B 77 30.69 -18.46 -6.60
CA GLN B 77 31.77 -17.72 -7.24
C GLN B 77 32.15 -18.38 -8.57
N PRO B 78 32.33 -17.62 -9.63
CA PRO B 78 32.63 -18.22 -10.93
C PRO B 78 33.98 -18.90 -10.91
N PRO B 79 34.17 -19.95 -11.71
CA PRO B 79 35.50 -20.57 -11.79
C PRO B 79 36.56 -19.63 -12.31
N LYS B 80 36.23 -18.85 -13.33
CA LYS B 80 37.18 -17.90 -13.90
C LYS B 80 37.35 -16.69 -12.98
N ASP B 81 38.59 -16.37 -12.64
CA ASP B 81 38.86 -15.20 -11.82
C ASP B 81 38.50 -13.90 -12.55
N ALA B 82 38.67 -13.87 -13.87
CA ALA B 82 38.29 -12.70 -14.64
C ALA B 82 36.80 -12.43 -14.52
N ASP B 83 35.99 -13.49 -14.50
CA ASP B 83 34.55 -13.33 -14.27
C ASP B 83 34.24 -13.11 -12.80
N GLU B 84 35.09 -13.61 -11.90
CA GLU B 84 34.88 -13.41 -10.47
C GLU B 84 35.07 -11.96 -10.06
N ARG B 85 35.98 -11.24 -10.73
CA ARG B 85 36.25 -9.85 -10.43
C ARG B 85 35.16 -8.90 -10.97
N GLN B 86 34.30 -9.36 -11.88
CA GLN B 86 33.27 -8.49 -12.41
C GLN B 86 32.04 -8.45 -11.53
N ILE B 87 31.78 -9.52 -10.77
CA ILE B 87 30.57 -9.57 -9.96
C ILE B 87 30.59 -8.51 -8.89
N ARG B 88 31.77 -8.14 -8.38
CA ARG B 88 31.83 -7.12 -7.35
C ARG B 88 31.36 -5.78 -7.89
N SER B 89 31.86 -5.38 -9.06
CA SER B 89 31.39 -4.15 -9.68
C SER B 89 29.90 -4.23 -10.02
N GLU B 90 29.44 -5.38 -10.51
CA GLU B 90 28.03 -5.52 -10.87
C GLU B 90 27.12 -5.43 -9.65
N ILE B 91 27.51 -6.09 -8.54
CA ILE B 91 26.72 -6.04 -7.31
C ILE B 91 26.74 -4.63 -6.74
N ASN B 92 27.89 -3.95 -6.76
CA ASN B 92 27.92 -2.59 -6.24
C ASN B 92 27.06 -1.66 -7.08
N THR B 93 26.99 -1.89 -8.40
CA THR B 93 26.11 -1.09 -9.23
C THR B 93 24.64 -1.37 -8.92
N VAL B 94 24.29 -2.65 -8.71
CA VAL B 94 22.91 -3.01 -8.43
C VAL B 94 22.46 -2.45 -7.08
N GLY B 95 23.35 -2.49 -6.07
CA GLY B 95 23.00 -2.02 -4.74
C GLY B 95 22.67 -0.54 -4.66
N HIS B 96 23.11 0.25 -5.64
CA HIS B 96 22.78 1.66 -5.71
C HIS B 96 21.61 1.94 -6.64
N ILE B 97 21.07 0.91 -7.29
CA ILE B 97 19.86 1.05 -8.11
C ILE B 97 18.64 1.08 -7.19
N ARG B 98 17.82 2.12 -7.35
CA ARG B 98 16.62 2.30 -6.54
C ARG B 98 15.45 2.67 -7.44
N HIS B 99 14.34 1.97 -7.28
CA HIS B 99 13.14 2.22 -8.07
C HIS B 99 11.94 1.62 -7.33
N ARG B 100 10.78 2.24 -7.52
CA ARG B 100 9.56 1.77 -6.86
C ARG B 100 9.25 0.31 -7.20
N ASN B 101 9.55 -0.12 -8.44
CA ASN B 101 9.19 -1.44 -8.91
C ASN B 101 10.39 -2.38 -8.99
N LEU B 102 11.45 -2.09 -8.24
CA LEU B 102 12.61 -2.96 -8.13
C LEU B 102 12.85 -3.24 -6.65
N LEU B 103 13.14 -4.49 -6.32
CA LEU B 103 13.41 -4.85 -4.93
C LEU B 103 14.78 -4.30 -4.53
N PRO B 104 14.86 -3.42 -3.54
CA PRO B 104 16.16 -2.84 -3.18
C PRO B 104 17.07 -3.84 -2.51
N LEU B 105 18.34 -3.84 -2.94
CA LEU B 105 19.36 -4.68 -2.32
C LEU B 105 19.88 -3.96 -1.08
N LEU B 106 19.68 -4.58 0.10
CA LEU B 106 20.03 -3.93 1.35
C LEU B 106 21.54 -3.98 1.61
N ALA B 107 22.14 -5.16 1.46
CA ALA B 107 23.55 -5.32 1.72
C ALA B 107 24.08 -6.50 0.92
N HIS B 108 25.40 -6.65 0.93
CA HIS B 108 26.07 -7.74 0.22
C HIS B 108 27.34 -8.09 0.99
N VAL B 109 27.51 -9.37 1.31
CA VAL B 109 28.72 -9.84 1.98
C VAL B 109 29.47 -10.77 1.03
N SER B 110 30.79 -10.72 1.09
CA SER B 110 31.65 -11.50 0.22
C SER B 110 32.40 -12.55 1.03
N ARG B 111 32.48 -13.75 0.50
CA ARG B 111 33.11 -14.89 1.14
C ARG B 111 34.04 -15.57 0.15
N PRO B 112 34.99 -16.37 0.64
CA PRO B 112 35.77 -17.21 -0.28
C PRO B 112 34.89 -18.23 -0.97
N GLU B 113 34.73 -18.09 -2.29
CA GLU B 113 33.93 -19.00 -3.11
C GLU B 113 32.44 -18.96 -2.73
N CYS B 114 31.94 -17.76 -2.42
CA CYS B 114 30.53 -17.59 -2.09
C CYS B 114 30.17 -16.11 -2.10
N HIS B 115 28.88 -15.83 -2.26
CA HIS B 115 28.34 -14.48 -2.19
C HIS B 115 26.96 -14.52 -1.57
N TYR B 116 26.61 -13.49 -0.81
CA TYR B 116 25.30 -13.38 -0.18
C TYR B 116 24.70 -12.02 -0.49
N LEU B 117 23.44 -12.02 -0.93
CA LEU B 117 22.70 -10.80 -1.23
C LEU B 117 21.51 -10.70 -0.28
N VAL B 118 21.40 -9.57 0.42
CA VAL B 118 20.39 -9.36 1.44
C VAL B 118 19.27 -8.50 0.87
N TYR B 119 18.03 -8.93 1.05
CA TYR B 119 16.85 -8.18 0.63
C TYR B 119 15.85 -8.17 1.77
N GLU B 120 14.87 -7.28 1.65
CA GLU B 120 13.70 -7.36 2.52
C GLU B 120 12.88 -8.60 2.19
N TYR B 121 12.36 -9.25 3.23
CA TYR B 121 11.51 -10.43 3.03
C TYR B 121 10.10 -9.98 2.71
N MET B 122 9.59 -10.41 1.56
CA MET B 122 8.24 -10.07 1.12
C MET B 122 7.31 -11.25 1.42
N GLU B 123 6.39 -11.06 2.34
CA GLU B 123 5.55 -12.15 2.80
C GLU B 123 4.31 -12.36 1.94
N LYS B 124 4.05 -11.49 0.96
CA LYS B 124 3.03 -11.81 -0.03
C LYS B 124 3.54 -12.82 -1.05
N GLY B 125 4.84 -13.14 -1.02
CA GLY B 125 5.41 -14.11 -1.91
C GLY B 125 5.79 -13.50 -3.25
N SER B 126 6.21 -14.37 -4.16
CA SER B 126 6.46 -13.98 -5.53
C SER B 126 5.19 -14.15 -6.36
N LEU B 127 5.22 -13.62 -7.58
CA LEU B 127 4.09 -13.81 -8.48
C LEU B 127 3.86 -15.28 -8.78
N GLN B 128 4.93 -16.09 -8.75
CA GLN B 128 4.80 -17.52 -9.02
C GLN B 128 3.92 -18.20 -7.98
N ASP B 129 4.19 -17.95 -6.70
CA ASP B 129 3.40 -18.55 -5.63
C ASP B 129 1.94 -18.12 -5.71
N ILE B 130 1.71 -16.83 -5.97
CA ILE B 130 0.34 -16.33 -6.04
C ILE B 130 -0.41 -16.97 -7.19
N LEU B 131 0.24 -17.11 -8.34
CA LEU B 131 -0.44 -17.67 -9.51
C LEU B 131 -0.69 -19.17 -9.35
N THR B 132 0.25 -19.90 -8.73
CA THR B 132 0.00 -21.31 -8.45
C THR B 132 -1.16 -21.46 -7.46
N ASP B 133 -1.22 -20.59 -6.44
CA ASP B 133 -2.33 -20.64 -5.50
C ASP B 133 -3.65 -20.27 -6.16
N VAL B 134 -3.63 -19.34 -7.11
CA VAL B 134 -4.83 -19.01 -7.87
C VAL B 134 -5.31 -20.23 -8.65
N GLN B 135 -4.37 -20.95 -9.26
CA GLN B 135 -4.73 -22.20 -9.93
C GLN B 135 -5.32 -23.22 -8.95
N ALA B 136 -4.73 -23.33 -7.76
CA ALA B 136 -5.20 -24.28 -6.75
C ALA B 136 -6.49 -23.83 -6.06
N GLY B 137 -6.86 -22.55 -6.18
CA GLY B 137 -8.03 -22.03 -5.50
C GLY B 137 -7.77 -21.52 -4.10
N ASN B 138 -6.53 -21.52 -3.64
CA ASN B 138 -6.20 -21.04 -2.30
C ASN B 138 -5.98 -19.53 -2.25
N GLN B 139 -5.83 -18.88 -3.41
CA GLN B 139 -5.76 -17.43 -3.49
C GLN B 139 -6.53 -16.97 -4.72
N GLU B 140 -6.86 -15.69 -4.74
CA GLU B 140 -7.42 -15.05 -5.92
C GLU B 140 -6.61 -13.83 -6.27
N LEU B 141 -6.69 -13.43 -7.54
CA LEU B 141 -5.99 -12.24 -8.00
C LEU B 141 -6.85 -11.59 -9.08
N MET B 142 -7.59 -10.57 -8.69
CA MET B 142 -8.51 -9.91 -9.61
C MET B 142 -7.73 -9.20 -10.72
N TRP B 143 -8.45 -8.82 -11.76
CA TRP B 143 -7.79 -8.25 -12.92
C TRP B 143 -7.15 -6.89 -12.65
N PRO B 144 -7.77 -5.99 -11.88
CA PRO B 144 -7.06 -4.73 -11.56
C PRO B 144 -5.72 -4.97 -10.90
N ALA B 145 -5.62 -5.96 -10.01
CA ALA B 145 -4.34 -6.27 -9.39
C ALA B 145 -3.32 -6.74 -10.42
N ARG B 146 -3.74 -7.58 -11.37
CA ARG B 146 -2.81 -8.09 -12.37
C ARG B 146 -2.36 -6.97 -13.31
N HIS B 147 -3.27 -6.06 -13.66
CA HIS B 147 -2.90 -4.90 -14.47
C HIS B 147 -1.90 -4.02 -13.74
N LYS B 148 -2.11 -3.80 -12.43
CA LYS B 148 -1.15 -3.03 -11.64
C LYS B 148 0.22 -3.71 -11.62
N ILE B 149 0.23 -5.03 -11.45
CA ILE B 149 1.49 -5.79 -11.44
C ILE B 149 2.19 -5.65 -12.79
N ALA B 150 1.44 -5.74 -13.88
CA ALA B 150 2.04 -5.59 -15.21
C ALA B 150 2.63 -4.20 -15.40
N LEU B 151 1.90 -3.17 -14.98
CA LEU B 151 2.42 -1.81 -15.08
C LEU B 151 3.67 -1.64 -14.24
N GLY B 152 3.71 -2.28 -13.07
CA GLY B 152 4.90 -2.19 -12.23
C GLY B 152 6.11 -2.86 -12.86
N ILE B 153 5.92 -4.06 -13.41
CA ILE B 153 7.01 -4.73 -14.11
C ILE B 153 7.47 -3.90 -15.29
N ALA B 154 6.52 -3.26 -15.99
CA ALA B 154 6.88 -2.40 -17.12
C ALA B 154 7.73 -1.23 -16.66
N ALA B 155 7.34 -0.58 -15.57
CA ALA B 155 8.09 0.59 -15.09
C ALA B 155 9.49 0.18 -14.64
N GLY B 156 9.60 -0.91 -13.88
CA GLY B 156 10.92 -1.36 -13.46
C GLY B 156 11.82 -1.74 -14.62
N LEU B 157 11.27 -2.52 -15.57
CA LEU B 157 12.06 -2.95 -16.72
C LEU B 157 12.47 -1.75 -17.57
N GLU B 158 11.59 -0.75 -17.70
CA GLU B 158 11.96 0.43 -18.49
C GLU B 158 13.04 1.24 -17.79
N TYR B 159 12.95 1.38 -16.46
CA TYR B 159 14.02 2.09 -15.75
C TYR B 159 15.35 1.37 -15.91
N LEU B 160 15.33 0.04 -15.90
CA LEU B 160 16.57 -0.72 -16.07
C LEU B 160 17.10 -0.59 -17.50
N HIS B 161 16.21 -0.57 -18.50
CA HIS B 161 16.62 -0.65 -19.89
C HIS B 161 16.94 0.71 -20.51
N MET B 162 16.33 1.79 -20.05
CA MET B 162 16.48 3.07 -20.73
C MET B 162 16.75 4.26 -19.82
N ASP B 163 16.60 4.15 -18.50
CA ASP B 163 16.78 5.30 -17.62
C ASP B 163 18.01 5.24 -16.75
N HIS B 164 18.60 4.07 -16.56
CA HIS B 164 19.80 3.94 -15.77
C HIS B 164 21.01 4.43 -16.55
N ASN B 165 21.99 4.98 -15.83
CA ASN B 165 23.15 5.58 -16.51
C ASN B 165 23.93 4.56 -17.31
N PRO B 166 24.30 3.38 -16.79
CA PRO B 166 24.62 2.27 -17.69
C PRO B 166 23.41 1.34 -17.84
N ARG B 167 23.17 0.85 -19.05
CA ARG B 167 22.00 0.01 -19.29
C ARG B 167 22.12 -1.30 -18.53
N ILE B 168 21.04 -1.68 -17.83
CA ILE B 168 21.00 -2.90 -17.04
C ILE B 168 20.05 -3.88 -17.71
N ILE B 169 20.50 -5.13 -17.83
CA ILE B 169 19.73 -6.21 -18.45
C ILE B 169 19.48 -7.27 -17.39
N HIS B 170 18.22 -7.69 -17.25
CA HIS B 170 17.84 -8.63 -16.21
C HIS B 170 18.48 -10.01 -16.44
N ARG B 171 18.24 -10.60 -17.61
CA ARG B 171 18.76 -11.91 -18.00
C ARG B 171 18.02 -13.05 -17.32
N ASP B 172 17.09 -12.77 -16.41
CA ASP B 172 16.44 -13.84 -15.68
C ASP B 172 15.03 -13.43 -15.25
N LEU B 173 14.32 -12.72 -16.12
CA LEU B 173 12.98 -12.26 -15.78
C LEU B 173 12.01 -13.43 -15.77
N LYS B 174 11.29 -13.59 -14.66
CA LYS B 174 10.29 -14.63 -14.50
C LYS B 174 9.47 -14.30 -13.24
N PRO B 175 8.25 -14.85 -13.13
CA PRO B 175 7.41 -14.48 -11.97
C PRO B 175 8.03 -14.82 -10.62
N ALA B 176 9.02 -15.73 -10.57
CA ALA B 176 9.70 -15.99 -9.30
C ALA B 176 10.59 -14.83 -8.88
N ASN B 177 11.03 -14.01 -9.83
CA ASN B 177 11.85 -12.85 -9.56
C ASN B 177 11.04 -11.56 -9.52
N VAL B 178 9.71 -11.66 -9.50
CA VAL B 178 8.84 -10.51 -9.29
C VAL B 178 8.06 -10.77 -8.00
N LEU B 179 8.17 -9.85 -7.05
CA LEU B 179 7.54 -10.00 -5.75
C LEU B 179 6.48 -8.91 -5.55
N LEU B 180 5.63 -9.10 -4.55
CA LEU B 180 4.56 -8.16 -4.24
C LEU B 180 4.79 -7.58 -2.85
N ASP B 181 4.68 -6.26 -2.73
CA ASP B 181 4.83 -5.57 -1.46
C ASP B 181 3.45 -5.34 -0.83
N ASP B 182 3.43 -4.59 0.28
CA ASP B 182 2.17 -4.35 0.97
C ASP B 182 1.21 -3.45 0.20
N ASP B 183 1.69 -2.79 -0.86
CA ASP B 183 0.81 -2.06 -1.76
C ASP B 183 0.46 -2.87 -3.01
N MET B 184 0.77 -4.17 -3.01
CA MET B 184 0.57 -5.04 -4.17
C MET B 184 1.22 -4.48 -5.43
N GLU B 185 2.37 -3.82 -5.25
CA GLU B 185 3.17 -3.32 -6.36
C GLU B 185 4.21 -4.36 -6.74
N ALA B 186 4.39 -4.56 -8.05
CA ALA B 186 5.43 -5.48 -8.51
C ALA B 186 6.80 -4.89 -8.21
N ARG B 187 7.70 -5.75 -7.71
CA ARG B 187 9.07 -5.36 -7.42
C ARG B 187 10.01 -6.44 -7.96
N ILE B 188 10.85 -6.07 -8.92
CA ILE B 188 11.69 -7.03 -9.61
C ILE B 188 12.99 -7.23 -8.85
N SER B 189 13.45 -8.49 -8.76
CA SER B 189 14.65 -8.84 -8.02
C SER B 189 15.47 -9.83 -8.82
N ASP B 190 16.65 -10.16 -8.29
CA ASP B 190 17.56 -11.14 -8.88
C ASP B 190 17.96 -10.74 -10.30
N PHE B 191 18.30 -9.47 -10.47
CA PHE B 191 18.63 -8.93 -11.77
C PHE B 191 20.00 -8.27 -11.75
N GLY B 192 20.55 -8.07 -12.95
CA GLY B 192 21.71 -7.23 -13.15
C GLY B 192 23.05 -7.89 -12.97
N LEU B 193 23.09 -9.18 -12.62
CA LEU B 193 24.34 -9.88 -12.35
C LEU B 193 24.64 -10.80 -13.53
N ALA B 194 25.52 -10.33 -14.41
CA ALA B 194 25.86 -11.11 -15.59
C ALA B 194 26.62 -12.38 -15.21
N LYS B 195 27.64 -12.26 -14.36
CA LYS B 195 28.50 -13.39 -14.03
C LYS B 195 27.90 -14.32 -12.99
N ALA B 196 26.78 -13.94 -12.38
CA ALA B 196 26.08 -14.85 -11.48
C ALA B 196 25.29 -15.92 -12.22
N MET B 197 25.18 -15.81 -13.54
CA MET B 197 24.45 -16.76 -14.35
C MET B 197 25.35 -17.93 -14.74
N PRO B 198 24.80 -19.14 -14.84
CA PRO B 198 25.62 -20.27 -15.28
C PRO B 198 25.91 -20.19 -16.77
N ASP B 199 26.54 -21.21 -17.34
CA ASP B 199 26.68 -21.24 -18.78
C ASP B 199 25.32 -21.45 -19.43
N ALA B 200 25.28 -21.26 -20.75
CA ALA B 200 24.00 -21.23 -21.46
C ALA B 200 23.28 -22.58 -21.37
N VAL B 201 23.97 -23.68 -21.65
CA VAL B 201 23.28 -24.96 -21.69
C VAL B 201 22.91 -25.42 -20.29
N THR B 202 23.74 -25.11 -19.29
CA THR B 202 23.37 -25.41 -17.91
C THR B 202 22.17 -24.59 -17.48
N HIS B 203 22.14 -23.31 -17.86
CA HIS B 203 20.99 -22.47 -17.58
C HIS B 203 19.73 -23.05 -18.22
N ILE B 204 19.83 -23.52 -19.46
CA ILE B 204 18.66 -24.06 -20.16
C ILE B 204 18.18 -25.34 -19.49
N THR B 205 19.10 -26.22 -19.12
CA THR B 205 18.69 -27.48 -18.49
C THR B 205 18.08 -27.23 -17.12
N THR B 206 18.67 -26.33 -16.33
CA THR B 206 18.12 -26.09 -15.00
C THR B 206 16.81 -25.32 -15.08
N SER B 207 16.60 -24.53 -16.14
CA SER B 207 15.30 -23.89 -16.34
C SER B 207 14.25 -24.90 -16.77
N HIS B 208 14.64 -25.89 -17.57
CA HIS B 208 13.76 -27.00 -17.87
C HIS B 208 13.33 -27.72 -16.60
N VAL B 209 14.30 -28.03 -15.73
CA VAL B 209 13.99 -28.73 -14.49
C VAL B 209 13.08 -27.88 -13.60
N ALA B 210 13.35 -26.57 -13.54
CA ALA B 210 12.53 -25.65 -12.76
C ALA B 210 11.21 -25.30 -13.42
N GLY B 211 10.97 -25.75 -14.65
CA GLY B 211 9.72 -25.43 -15.33
C GLY B 211 9.60 -24.00 -15.79
N THR B 212 10.73 -23.35 -16.07
CA THR B 212 10.74 -21.94 -16.46
C THR B 212 11.46 -21.72 -17.78
N VAL B 213 11.46 -22.72 -18.66
CA VAL B 213 12.06 -22.54 -19.98
C VAL B 213 11.22 -21.65 -20.87
N GLY B 214 9.92 -21.54 -20.61
CA GLY B 214 9.06 -20.72 -21.45
C GLY B 214 9.40 -19.24 -21.45
N TYR B 215 10.25 -18.80 -20.52
CA TYR B 215 10.65 -17.40 -20.43
C TYR B 215 11.93 -17.11 -21.17
N ILE B 216 12.63 -18.14 -21.66
CA ILE B 216 13.89 -17.94 -22.38
C ILE B 216 13.58 -17.68 -23.86
N ALA B 217 14.12 -16.58 -24.37
CA ALA B 217 13.88 -16.21 -25.76
C ALA B 217 14.53 -17.22 -26.70
N PRO B 218 13.97 -17.39 -27.90
CA PRO B 218 14.52 -18.40 -28.84
C PRO B 218 15.95 -18.10 -29.27
N GLU B 219 16.30 -16.82 -29.45
CA GLU B 219 17.63 -16.49 -29.93
C GLU B 219 18.71 -16.98 -28.97
N PHE B 220 18.38 -17.17 -27.69
CA PHE B 220 19.39 -17.62 -26.74
C PHE B 220 19.92 -19.01 -27.08
N TYR B 221 19.15 -19.80 -27.84
CA TYR B 221 19.65 -21.09 -28.30
C TYR B 221 20.68 -20.96 -29.41
N GLN B 222 20.76 -19.83 -30.08
CA GLN B 222 21.78 -19.61 -31.10
C GLN B 222 22.82 -18.56 -30.73
N THR B 223 22.45 -17.58 -29.89
CA THR B 223 23.35 -16.48 -29.52
C THR B 223 24.09 -16.72 -28.22
N HIS B 224 23.51 -17.46 -27.29
CA HIS B 224 24.09 -17.67 -25.96
C HIS B 224 24.33 -16.36 -25.22
N LYS B 225 23.64 -15.29 -25.63
CA LYS B 225 23.87 -13.95 -25.13
C LYS B 225 22.54 -13.30 -24.80
N PHE B 226 22.46 -12.69 -23.63
CA PHE B 226 21.23 -12.05 -23.16
C PHE B 226 21.13 -10.64 -23.71
N THR B 227 19.95 -10.29 -24.21
CA THR B 227 19.66 -8.97 -24.75
C THR B 227 18.49 -8.36 -23.98
N ASP B 228 18.26 -7.06 -24.22
CA ASP B 228 17.06 -6.45 -23.68
C ASP B 228 15.81 -7.05 -24.29
N LYS B 229 15.91 -7.55 -25.53
CA LYS B 229 14.78 -8.20 -26.18
C LYS B 229 14.46 -9.54 -25.55
N CYS B 230 15.45 -10.20 -24.94
CA CYS B 230 15.16 -11.41 -24.17
C CYS B 230 14.34 -11.09 -22.94
N ASP B 231 14.66 -9.98 -22.26
CA ASP B 231 13.83 -9.54 -21.16
C ASP B 231 12.44 -9.16 -21.63
N ILE B 232 12.34 -8.57 -22.83
CA ILE B 232 11.03 -8.27 -23.39
C ILE B 232 10.23 -9.55 -23.62
N TYR B 233 10.90 -10.59 -24.13
CA TYR B 233 10.24 -11.88 -24.33
C TYR B 233 9.74 -12.46 -22.99
N SER B 234 10.58 -12.42 -21.96
CA SER B 234 10.16 -12.93 -20.66
C SER B 234 8.99 -12.14 -20.11
N PHE B 235 9.05 -10.81 -20.20
CA PHE B 235 7.94 -9.98 -19.76
C PHE B 235 6.68 -10.32 -20.54
N GLY B 236 6.82 -10.65 -21.83
CA GLY B 236 5.67 -11.00 -22.63
C GLY B 236 5.01 -12.30 -22.18
N VAL B 237 5.83 -13.32 -21.88
CA VAL B 237 5.20 -14.55 -21.40
C VAL B 237 4.60 -14.36 -20.01
N ILE B 238 5.18 -13.46 -19.19
CA ILE B 238 4.54 -13.13 -17.91
C ILE B 238 3.18 -12.46 -18.16
N LEU B 239 3.16 -11.49 -19.07
CA LEU B 239 1.91 -10.84 -19.46
C LEU B 239 0.89 -11.87 -19.91
N GLY B 240 1.34 -12.88 -20.65
CA GLY B 240 0.44 -13.90 -21.14
C GLY B 240 -0.12 -14.78 -20.03
N ILE B 241 0.72 -15.17 -19.07
CA ILE B 241 0.23 -16.00 -17.98
C ILE B 241 -0.68 -15.21 -17.05
N LEU B 242 -0.56 -13.87 -17.03
CA LEU B 242 -1.48 -13.07 -16.22
C LEU B 242 -2.93 -13.18 -16.73
N VAL B 243 -3.12 -13.35 -18.03
CA VAL B 243 -4.45 -13.38 -18.62
C VAL B 243 -4.93 -14.81 -18.85
N ILE B 244 -4.03 -15.70 -19.28
CA ILE B 244 -4.44 -17.05 -19.62
C ILE B 244 -4.87 -17.84 -18.38
N GLY B 245 -4.20 -17.61 -17.26
CA GLY B 245 -4.45 -18.36 -16.05
C GLY B 245 -3.69 -19.66 -15.93
N LYS B 246 -2.81 -19.96 -16.89
CA LYS B 246 -1.97 -21.14 -16.86
C LYS B 246 -0.51 -20.72 -16.92
N LEU B 247 0.36 -21.62 -16.46
CA LEU B 247 1.79 -21.39 -16.48
C LEU B 247 2.41 -22.07 -17.71
N PRO B 248 3.61 -21.63 -18.12
CA PRO B 248 4.26 -22.31 -19.26
C PRO B 248 4.57 -23.78 -18.99
N SER B 249 4.78 -24.15 -17.72
CA SER B 249 5.08 -25.53 -17.35
C SER B 249 3.83 -26.39 -17.25
N ASP B 250 2.65 -25.87 -17.61
CA ASP B 250 1.42 -26.64 -17.52
C ASP B 250 1.45 -27.82 -18.48
N GLU B 251 0.97 -28.97 -17.99
CA GLU B 251 0.89 -30.15 -18.84
C GLU B 251 -0.09 -29.97 -19.98
N PHE B 252 -1.00 -28.99 -19.88
CA PHE B 252 -1.94 -28.72 -20.96
C PHE B 252 -1.21 -28.38 -22.26
N PHE B 253 -0.18 -27.54 -22.17
CA PHE B 253 0.55 -27.13 -23.36
C PHE B 253 1.44 -28.24 -23.91
N GLN B 254 1.81 -29.22 -23.09
CA GLN B 254 2.58 -30.35 -23.59
C GLN B 254 1.76 -31.25 -24.49
N HIS B 255 0.44 -31.11 -24.47
CA HIS B 255 -0.46 -31.90 -25.30
C HIS B 255 -1.18 -31.07 -26.34
N THR B 256 -0.84 -29.79 -26.48
CA THR B 256 -1.47 -28.96 -27.50
C THR B 256 -0.71 -29.08 -28.81
N ASP B 257 -1.34 -28.59 -29.88
CA ASP B 257 -0.75 -28.70 -31.21
C ASP B 257 0.48 -27.81 -31.36
N GLU B 258 0.49 -26.64 -30.71
CA GLU B 258 1.60 -25.70 -30.86
C GLU B 258 2.78 -26.02 -29.95
N MET B 259 2.59 -26.88 -28.95
CA MET B 259 3.60 -27.37 -28.01
C MET B 259 4.25 -26.27 -27.17
N SER B 260 3.65 -25.08 -27.09
CA SER B 260 4.18 -24.02 -26.25
C SER B 260 3.08 -23.03 -25.94
N LEU B 261 3.19 -22.37 -24.78
CA LEU B 261 2.21 -21.36 -24.41
C LEU B 261 2.22 -20.19 -25.37
N ILE B 262 3.42 -19.82 -25.85
CA ILE B 262 3.55 -18.59 -26.64
C ILE B 262 2.92 -18.78 -28.02
N LYS B 263 3.21 -19.90 -28.68
CA LYS B 263 2.63 -20.14 -30.00
C LYS B 263 1.12 -20.36 -29.92
N TRP B 264 0.68 -21.11 -28.90
CA TRP B 264 -0.75 -21.28 -28.63
C TRP B 264 -1.45 -19.93 -28.47
N MET B 265 -0.87 -19.08 -27.62
CA MET B 265 -1.46 -17.76 -27.38
C MET B 265 -1.48 -16.93 -28.66
N ARG B 266 -0.38 -16.95 -29.43
CA ARG B 266 -0.31 -16.19 -30.67
C ARG B 266 -1.41 -16.62 -31.64
N ASN B 267 -1.51 -17.93 -31.86
CA ASN B 267 -2.50 -18.45 -32.81
C ASN B 267 -3.92 -18.13 -32.36
N ILE B 268 -4.18 -18.14 -31.04
CA ILE B 268 -5.52 -17.82 -30.56
C ILE B 268 -5.80 -16.32 -30.72
N ILE B 269 -4.79 -15.48 -30.51
CA ILE B 269 -4.98 -14.04 -30.62
C ILE B 269 -5.25 -13.64 -32.06
N THR B 270 -4.61 -14.31 -33.02
CA THR B 270 -4.86 -13.98 -34.42
C THR B 270 -6.29 -14.30 -34.84
N SER B 271 -6.89 -15.35 -34.28
CA SER B 271 -8.11 -15.93 -34.82
C SER B 271 -9.32 -15.03 -34.53
N GLU B 272 -10.48 -15.52 -34.97
CA GLU B 272 -11.76 -14.81 -34.82
C GLU B 272 -12.27 -14.81 -33.38
N ASN B 273 -11.80 -15.74 -32.54
CA ASN B 273 -12.20 -15.81 -31.14
C ASN B 273 -10.95 -15.60 -30.30
N PRO B 274 -10.52 -14.34 -30.10
CA PRO B 274 -9.35 -14.11 -29.25
C PRO B 274 -9.64 -14.34 -27.77
N SER B 275 -10.91 -14.42 -27.36
CA SER B 275 -11.27 -14.67 -25.98
C SER B 275 -11.02 -16.11 -25.56
N LEU B 276 -10.60 -16.98 -26.49
CA LEU B 276 -10.35 -18.37 -26.16
C LEU B 276 -9.21 -18.51 -25.15
N ALA B 277 -8.30 -17.53 -25.10
CA ALA B 277 -7.14 -17.61 -24.22
C ALA B 277 -7.39 -17.03 -22.84
N ILE B 278 -8.46 -16.25 -22.66
CA ILE B 278 -8.72 -15.63 -21.38
C ILE B 278 -9.14 -16.70 -20.36
N ASP B 279 -8.63 -16.57 -19.14
CA ASP B 279 -9.04 -17.42 -18.04
C ASP B 279 -10.52 -17.20 -17.74
N PRO B 280 -11.36 -18.25 -17.76
CA PRO B 280 -12.78 -18.05 -17.45
C PRO B 280 -13.03 -17.43 -16.09
N LYS B 281 -12.09 -17.54 -15.14
CA LYS B 281 -12.26 -16.93 -13.83
C LYS B 281 -12.24 -15.41 -13.88
N LEU B 282 -11.75 -14.83 -14.98
CA LEU B 282 -11.66 -13.38 -15.14
C LEU B 282 -12.73 -12.81 -16.05
N MET B 283 -13.47 -13.65 -16.77
CA MET B 283 -14.46 -13.15 -17.71
C MET B 283 -15.76 -12.80 -16.99
N ASP B 284 -16.68 -12.17 -17.74
CA ASP B 284 -17.96 -11.69 -17.21
C ASP B 284 -17.77 -10.68 -16.09
N GLN B 285 -16.69 -9.89 -16.16
CA GLN B 285 -16.39 -8.88 -15.17
C GLN B 285 -16.14 -7.52 -15.80
N GLY B 286 -16.30 -7.41 -17.12
CA GLY B 286 -16.11 -6.17 -17.84
C GLY B 286 -14.69 -5.87 -18.25
N PHE B 287 -13.74 -6.79 -18.04
CA PHE B 287 -12.34 -6.57 -18.37
C PHE B 287 -11.90 -7.32 -19.61
N ASP B 288 -12.84 -7.77 -20.45
CA ASP B 288 -12.48 -8.61 -21.59
C ASP B 288 -11.64 -7.85 -22.61
N GLU B 289 -12.08 -6.64 -22.99
CA GLU B 289 -11.30 -5.83 -23.91
C GLU B 289 -9.93 -5.49 -23.34
N GLN B 290 -9.87 -5.18 -22.05
CA GLN B 290 -8.63 -4.91 -21.36
C GLN B 290 -7.64 -6.07 -21.49
N MET B 291 -8.10 -7.28 -21.16
CA MET B 291 -7.23 -8.45 -21.22
C MET B 291 -6.86 -8.81 -22.65
N LEU B 292 -7.74 -8.54 -23.62
CA LEU B 292 -7.37 -8.80 -25.01
C LEU B 292 -6.28 -7.86 -25.48
N LEU B 293 -6.35 -6.59 -25.07
CA LEU B 293 -5.25 -5.66 -25.37
C LEU B 293 -3.94 -6.13 -24.73
N VAL B 294 -4.01 -6.58 -23.48
CA VAL B 294 -2.81 -7.11 -22.82
C VAL B 294 -2.25 -8.31 -23.58
N LEU B 295 -3.15 -9.18 -24.08
CA LEU B 295 -2.71 -10.34 -24.85
C LEU B 295 -2.02 -9.91 -26.14
N LYS B 296 -2.56 -8.90 -26.82
CA LYS B 296 -1.89 -8.41 -28.03
C LYS B 296 -0.51 -7.88 -27.72
N ILE B 297 -0.38 -7.12 -26.61
CA ILE B 297 0.93 -6.61 -26.20
C ILE B 297 1.90 -7.75 -25.92
N ALA B 298 1.43 -8.79 -25.21
CA ALA B 298 2.28 -9.93 -24.91
C ALA B 298 2.69 -10.66 -26.19
N CYS B 299 1.78 -10.73 -27.17
CA CYS B 299 2.09 -11.39 -28.43
C CYS B 299 3.19 -10.64 -29.17
N TYR B 300 3.16 -9.31 -29.13
CA TYR B 300 4.27 -8.54 -29.70
C TYR B 300 5.56 -8.76 -28.94
N CYS B 301 5.47 -8.86 -27.60
CA CYS B 301 6.65 -9.05 -26.79
C CYS B 301 7.29 -10.42 -26.98
N THR B 302 6.55 -11.41 -27.47
CA THR B 302 7.05 -12.77 -27.61
C THR B 302 7.20 -13.22 -29.07
N LEU B 303 7.49 -12.28 -29.98
CA LEU B 303 7.77 -12.65 -31.35
C LEU B 303 9.12 -13.35 -31.46
N ASP B 304 9.27 -14.17 -32.50
CA ASP B 304 10.50 -14.96 -32.64
C ASP B 304 11.71 -14.09 -32.98
N ASP B 305 11.51 -13.06 -33.81
CA ASP B 305 12.60 -12.17 -34.17
C ASP B 305 12.72 -11.06 -33.13
N PRO B 306 13.85 -10.94 -32.43
CA PRO B 306 13.98 -9.87 -31.43
C PRO B 306 13.92 -8.47 -32.03
N LYS B 307 14.37 -8.30 -33.28
CA LYS B 307 14.26 -6.99 -33.92
C LYS B 307 12.81 -6.57 -34.08
N GLN B 308 11.88 -7.52 -34.15
CA GLN B 308 10.46 -7.20 -34.25
C GLN B 308 9.85 -6.77 -32.92
N ARG B 309 10.42 -7.20 -31.80
CA ARG B 309 9.84 -6.91 -30.50
C ARG B 309 10.02 -5.43 -30.15
N PRO B 310 9.06 -4.85 -29.43
CA PRO B 310 9.21 -3.48 -28.95
C PRO B 310 10.10 -3.42 -27.72
N ASN B 311 10.59 -2.21 -27.44
CA ASN B 311 11.39 -1.99 -26.25
C ASN B 311 10.48 -1.75 -25.05
N SER B 312 11.10 -1.66 -23.86
CA SER B 312 10.33 -1.59 -22.62
C SER B 312 9.51 -0.31 -22.53
N LYS B 313 10.01 0.78 -23.12
CA LYS B 313 9.27 2.04 -23.09
C LYS B 313 7.94 1.92 -23.85
N ASP B 314 7.99 1.33 -25.05
CA ASP B 314 6.78 1.15 -25.83
C ASP B 314 5.83 0.17 -25.17
N VAL B 315 6.37 -0.88 -24.55
CA VAL B 315 5.52 -1.83 -23.83
C VAL B 315 4.80 -1.13 -22.68
N ARG B 316 5.52 -0.29 -21.94
CA ARG B 316 4.91 0.43 -20.83
C ARG B 316 3.82 1.38 -21.33
N THR B 317 4.10 2.12 -22.40
CA THR B 317 3.09 3.07 -22.86
C THR B 317 1.87 2.36 -23.45
N MET B 318 2.06 1.21 -24.10
CA MET B 318 0.92 0.44 -24.57
C MET B 318 0.12 -0.14 -23.41
N LEU B 319 0.79 -0.54 -22.33
CA LEU B 319 0.08 -1.03 -21.15
C LEU B 319 -0.69 0.10 -20.46
N SER B 320 -0.13 1.31 -20.45
CA SER B 320 -0.79 2.42 -19.79
C SER B 320 -1.90 3.04 -20.63
N GLN B 321 -1.91 2.77 -21.95
CA GLN B 321 -2.98 3.28 -22.81
C GLN B 321 -4.31 2.53 -22.66
N ILE B 322 -4.36 1.51 -21.81
CA ILE B 322 -5.55 0.66 -21.74
C ILE B 322 -6.64 1.36 -20.94
N LYS B 323 -7.89 1.17 -21.37
CA LYS B 323 -9.07 1.79 -20.78
C LYS B 323 -8.95 3.31 -20.78
#